data_4R8S
#
_entry.id   4R8S
#
_cell.length_a   51.640
_cell.length_b   61.140
_cell.length_c   183.350
_cell.angle_alpha   90.00
_cell.angle_beta   90.00
_cell.angle_gamma   90.00
#
_symmetry.space_group_name_H-M   'P 2 21 21'
#
loop_
_entity.id
_entity.type
_entity.pdbx_description
1 polymer 'nonstructural protein NS5'
2 non-polymer SINEFUNGIN
3 water water
#
_entity_poly.entity_id   1
_entity_poly.type   'polypeptide(L)'
_entity_poly.pdbx_seq_one_letter_code
;GPLGSGTGSQGETLGEKWKKKLNQLSRKEFDLYKKSGITEVDRTEAKEGLKRGETTHHAVSRGSAKLQWFVERNMVIPEG
RVIDLGCGRGGWSYYCAGLKKVTEVRGYTKGGPGHEEPVPMSTYGWNIVKLMSGKDVFYLPPEKCDTLLCDIGESSPSPT
VEESRTIRVLKMVEPWLKNNQFCIKVLNPYMPTVIEHLERLQRKHGGMLVRNPLSRNSTHEMYWISNGTGNIVSSVNMVS
RLLLNRFTMTHRRPTIEKDVDLGAGTR
;
_entity_poly.pdbx_strand_id   A,B
#
loop_
_chem_comp.id
_chem_comp.type
_chem_comp.name
_chem_comp.formula
SFG non-polymer SINEFUNGIN 'C15 H23 N7 O5'
#
# COMPACT_ATOMS: atom_id res chain seq x y z
N GLU A 12 5.18 -31.72 -1.22
CA GLU A 12 4.02 -31.29 -2.01
C GLU A 12 2.75 -31.46 -1.17
N THR A 13 1.99 -30.35 -0.95
CA THR A 13 0.75 -30.34 -0.17
C THR A 13 -0.41 -31.00 -0.92
N LEU A 14 -1.53 -31.29 -0.21
CA LEU A 14 -2.75 -31.86 -0.80
C LEU A 14 -3.35 -30.83 -1.81
N GLY A 15 -3.24 -29.55 -1.46
CA GLY A 15 -3.71 -28.45 -2.31
C GLY A 15 -3.00 -28.41 -3.65
N GLU A 16 -1.68 -28.62 -3.63
CA GLU A 16 -0.86 -28.67 -4.84
C GLU A 16 -1.26 -29.85 -5.73
N LYS A 17 -1.61 -31.00 -5.11
CA LYS A 17 -2.08 -32.19 -5.87
C LYS A 17 -3.42 -31.86 -6.51
N TRP A 18 -4.31 -31.17 -5.74
CA TRP A 18 -5.60 -30.73 -6.24
C TRP A 18 -5.39 -29.79 -7.47
N LYS A 19 -4.51 -28.79 -7.35
CA LYS A 19 -4.24 -27.82 -8.42
C LYS A 19 -3.79 -28.52 -9.74
N LYS A 20 -2.79 -29.42 -9.61
CA LYS A 20 -2.26 -30.20 -10.74
C LYS A 20 -3.44 -30.93 -11.42
N LYS A 21 -4.30 -31.61 -10.61
CA LYS A 21 -5.39 -32.33 -11.23
C LYS A 21 -6.37 -31.36 -11.94
N LEU A 22 -6.69 -30.22 -11.29
CA LEU A 22 -7.54 -29.22 -11.91
C LEU A 22 -7.02 -28.77 -13.31
N ASN A 23 -5.68 -28.54 -13.43
CA ASN A 23 -5.04 -28.07 -14.66
C ASN A 23 -5.02 -29.12 -15.80
N GLN A 24 -5.24 -30.41 -15.46
CA GLN A 24 -5.29 -31.53 -16.41
C GLN A 24 -6.68 -31.64 -17.06
N LEU A 25 -7.73 -31.17 -16.36
CA LEU A 25 -9.09 -31.28 -16.88
C LEU A 25 -9.27 -30.53 -18.18
N SER A 26 -10.10 -31.09 -19.10
CA SER A 26 -10.48 -30.44 -20.34
C SER A 26 -11.44 -29.32 -19.94
N ARG A 27 -11.78 -28.36 -20.86
CA ARG A 27 -12.76 -27.32 -20.54
C ARG A 27 -14.10 -27.96 -20.14
N LYS A 28 -14.49 -29.04 -20.86
CA LYS A 28 -15.74 -29.76 -20.59
C LYS A 28 -15.77 -30.29 -19.15
N GLU A 29 -14.69 -30.98 -18.73
CA GLU A 29 -14.55 -31.57 -17.39
C GLU A 29 -14.46 -30.50 -16.33
N PHE A 30 -13.79 -29.37 -16.64
CA PHE A 30 -13.67 -28.27 -15.73
C PHE A 30 -15.02 -27.65 -15.44
N ASP A 31 -15.84 -27.37 -16.48
CA ASP A 31 -17.13 -26.74 -16.31
C ASP A 31 -18.08 -27.58 -15.49
N LEU A 32 -18.00 -28.91 -15.59
CA LEU A 32 -18.84 -29.80 -14.78
C LEU A 32 -18.27 -29.87 -13.35
N TYR A 33 -16.93 -29.99 -13.22
CA TYR A 33 -16.31 -30.08 -11.90
C TYR A 33 -16.54 -28.84 -11.04
N LYS A 34 -16.44 -27.65 -11.65
CA LYS A 34 -16.45 -26.42 -10.87
C LYS A 34 -17.70 -26.21 -10.01
N LYS A 35 -18.86 -26.74 -10.42
CA LYS A 35 -20.07 -26.54 -9.60
C LYS A 35 -20.53 -27.84 -8.91
N SER A 36 -19.78 -28.94 -9.07
CA SER A 36 -20.18 -30.23 -8.50
C SER A 36 -20.32 -30.20 -6.98
N GLY A 37 -21.56 -30.39 -6.50
CA GLY A 37 -21.83 -30.44 -5.07
C GLY A 37 -21.70 -29.12 -4.34
N ILE A 38 -21.55 -27.99 -5.06
CA ILE A 38 -21.46 -26.71 -4.34
C ILE A 38 -22.88 -26.19 -4.05
N THR A 39 -22.95 -25.05 -3.36
CA THR A 39 -24.19 -24.36 -3.12
C THR A 39 -24.14 -23.11 -4.04
N GLU A 40 -25.26 -22.78 -4.67
CA GLU A 40 -25.34 -21.55 -5.48
C GLU A 40 -26.68 -20.90 -5.40
N VAL A 41 -26.67 -19.58 -5.43
CA VAL A 41 -27.93 -18.86 -5.41
C VAL A 41 -28.47 -18.80 -6.83
N ASP A 42 -29.78 -18.77 -6.97
CA ASP A 42 -30.42 -18.63 -8.28
C ASP A 42 -30.47 -17.15 -8.67
N ARG A 43 -29.60 -16.81 -9.65
CA ARG A 43 -29.41 -15.45 -10.16
C ARG A 43 -30.34 -15.07 -11.30
N THR A 44 -31.23 -15.97 -11.76
CA THR A 44 -32.11 -15.71 -12.90
C THR A 44 -32.81 -14.35 -12.80
N GLU A 45 -33.60 -14.14 -11.72
CA GLU A 45 -34.37 -12.92 -11.48
CA GLU A 45 -34.37 -12.91 -11.50
C GLU A 45 -33.49 -11.67 -11.47
N ALA A 46 -32.37 -11.72 -10.72
CA ALA A 46 -31.44 -10.56 -10.63
C ALA A 46 -30.82 -10.22 -11.96
N LYS A 47 -30.34 -11.23 -12.71
CA LYS A 47 -29.72 -10.97 -14.02
C LYS A 47 -30.71 -10.32 -14.98
N GLU A 48 -31.97 -10.81 -14.99
CA GLU A 48 -32.99 -10.24 -15.84
C GLU A 48 -33.30 -8.77 -15.43
N GLY A 49 -33.46 -8.53 -14.13
CA GLY A 49 -33.75 -7.21 -13.60
C GLY A 49 -32.64 -6.23 -13.90
N LEU A 50 -31.38 -6.64 -13.66
CA LEU A 50 -30.21 -5.81 -13.95
C LEU A 50 -30.05 -5.50 -15.43
N LYS A 51 -30.39 -6.45 -16.32
CA LYS A 51 -30.32 -6.23 -17.78
C LYS A 51 -31.34 -5.14 -18.19
N ARG A 52 -32.49 -5.07 -17.49
CA ARG A 52 -33.55 -4.08 -17.71
C ARG A 52 -33.25 -2.73 -17.06
N GLY A 53 -32.12 -2.66 -16.36
CA GLY A 53 -31.66 -1.46 -15.66
C GLY A 53 -32.39 -1.21 -14.35
N GLU A 54 -32.96 -2.29 -13.75
CA GLU A 54 -33.65 -2.14 -12.47
C GLU A 54 -32.64 -1.88 -11.39
N THR A 55 -32.96 -0.95 -10.47
CA THR A 55 -32.03 -0.51 -9.44
C THR A 55 -32.41 -0.87 -8.02
N THR A 56 -33.57 -1.50 -7.84
CA THR A 56 -34.07 -1.92 -6.54
C THR A 56 -34.06 -3.44 -6.46
N HIS A 57 -33.97 -3.97 -5.21
CA HIS A 57 -34.07 -5.36 -4.78
C HIS A 57 -32.88 -6.23 -5.17
N HIS A 58 -32.42 -6.14 -6.43
CA HIS A 58 -31.36 -7.01 -6.92
C HIS A 58 -30.03 -6.77 -6.35
N ALA A 59 -29.32 -7.86 -6.07
CA ALA A 59 -27.91 -7.78 -5.72
C ALA A 59 -27.16 -7.74 -7.06
N VAL A 60 -26.11 -6.90 -7.13
CA VAL A 60 -25.38 -6.72 -8.37
C VAL A 60 -24.53 -7.91 -8.78
N SER A 61 -24.24 -8.82 -7.84
CA SER A 61 -23.42 -10.01 -8.15
C SER A 61 -23.77 -11.11 -7.15
N ARG A 62 -23.12 -12.27 -7.31
CA ARG A 62 -23.26 -13.40 -6.37
C ARG A 62 -22.59 -13.04 -5.04
N GLY A 63 -21.82 -11.94 -5.01
CA GLY A 63 -21.08 -11.56 -3.81
C GLY A 63 -21.91 -11.20 -2.59
N SER A 64 -23.01 -10.59 -2.79
CA SER A 64 -23.94 -10.23 -1.70
C SER A 64 -24.37 -11.49 -0.92
N ALA A 65 -24.77 -12.54 -1.66
CA ALA A 65 -25.15 -13.78 -1.01
C ALA A 65 -23.92 -14.42 -0.34
N LYS A 66 -22.71 -14.33 -0.91
CA LYS A 66 -21.53 -14.95 -0.41
C LYS A 66 -21.11 -14.32 0.96
N LEU A 67 -21.13 -12.96 1.04
CA LEU A 67 -20.77 -12.28 2.30
C LEU A 67 -21.88 -12.52 3.31
N GLN A 68 -23.15 -12.47 2.84
CA GLN A 68 -24.27 -12.76 3.74
C GLN A 68 -24.13 -14.10 4.44
N TRP A 69 -23.63 -15.13 3.74
CA TRP A 69 -23.44 -16.43 4.40
C TRP A 69 -22.56 -16.30 5.69
N PHE A 70 -21.48 -15.52 5.64
CA PHE A 70 -20.60 -15.32 6.81
C PHE A 70 -21.28 -14.48 7.87
N VAL A 71 -21.93 -13.39 7.45
CA VAL A 71 -22.60 -12.43 8.32
C VAL A 71 -23.71 -13.09 9.11
N GLU A 72 -24.55 -13.89 8.44
CA GLU A 72 -25.66 -14.54 9.15
C GLU A 72 -25.25 -15.66 10.08
N ARG A 73 -23.97 -16.05 10.05
CA ARG A 73 -23.34 -17.02 10.96
C ARG A 73 -22.47 -16.32 12.02
N ASN A 74 -22.50 -14.96 12.04
CA ASN A 74 -21.78 -14.10 12.97
C ASN A 74 -20.27 -14.27 12.87
N MET A 75 -19.74 -14.67 11.67
CA MET A 75 -18.31 -14.85 11.46
C MET A 75 -17.64 -13.49 11.26
N VAL A 76 -18.41 -12.55 10.72
CA VAL A 76 -18.11 -11.13 10.60
C VAL A 76 -19.42 -10.40 10.84
N ILE A 77 -19.38 -9.33 11.69
CA ILE A 77 -20.57 -8.54 12.03
C ILE A 77 -20.32 -7.08 11.61
N PRO A 78 -20.63 -6.74 10.32
CA PRO A 78 -20.39 -5.36 9.85
C PRO A 78 -21.02 -4.30 10.75
N GLU A 79 -20.26 -3.25 11.00
CA GLU A 79 -20.68 -2.14 11.88
C GLU A 79 -19.95 -0.86 11.50
N GLY A 80 -20.56 0.29 11.81
CA GLY A 80 -19.99 1.60 11.61
C GLY A 80 -19.47 1.84 10.20
N ARG A 81 -18.21 2.29 10.08
CA ARG A 81 -17.59 2.59 8.78
C ARG A 81 -17.00 1.27 8.25
N VAL A 82 -17.57 0.83 7.13
CA VAL A 82 -17.18 -0.39 6.41
C VAL A 82 -16.28 0.00 5.23
N ILE A 83 -15.08 -0.64 5.15
CA ILE A 83 -14.22 -0.42 3.94
C ILE A 83 -14.25 -1.74 3.15
N ASP A 84 -14.58 -1.64 1.88
CA ASP A 84 -14.66 -2.77 0.98
C ASP A 84 -13.55 -2.66 -0.07
N LEU A 85 -12.48 -3.46 0.16
CA LEU A 85 -11.33 -3.49 -0.75
C LEU A 85 -11.54 -4.48 -1.89
N GLY A 86 -11.44 -3.95 -3.10
CA GLY A 86 -11.75 -4.70 -4.30
C GLY A 86 -13.23 -4.90 -4.34
N CYS A 87 -14.03 -3.80 -4.35
CA CYS A 87 -15.49 -3.89 -4.30
C CYS A 87 -16.10 -4.43 -5.59
N GLY A 88 -15.42 -4.29 -6.74
CA GLY A 88 -16.01 -4.76 -7.99
C GLY A 88 -17.30 -4.01 -8.25
N ARG A 89 -18.35 -4.73 -8.70
CA ARG A 89 -19.66 -4.17 -8.99
CA ARG A 89 -19.67 -4.18 -8.98
C ARG A 89 -20.31 -3.57 -7.74
N GLY A 90 -19.94 -4.08 -6.57
CA GLY A 90 -20.40 -3.59 -5.28
C GLY A 90 -21.22 -4.50 -4.39
N GLY A 91 -21.28 -5.80 -4.72
CA GLY A 91 -22.15 -6.77 -4.00
C GLY A 91 -21.97 -6.82 -2.50
N TRP A 92 -20.72 -6.74 -1.98
CA TRP A 92 -20.48 -6.73 -0.54
C TRP A 92 -20.92 -5.40 0.07
N SER A 93 -20.64 -4.29 -0.65
CA SER A 93 -20.98 -2.92 -0.24
C SER A 93 -22.47 -2.66 -0.14
N TYR A 94 -23.27 -3.10 -1.12
CA TYR A 94 -24.72 -2.93 -1.13
C TYR A 94 -25.39 -3.80 -0.08
N TYR A 95 -24.78 -4.94 0.26
CA TYR A 95 -25.32 -5.82 1.28
C TYR A 95 -25.12 -5.19 2.62
N CYS A 96 -23.87 -4.74 2.92
CA CYS A 96 -23.58 -4.05 4.18
C CYS A 96 -24.42 -2.77 4.37
N ALA A 97 -24.74 -2.06 3.26
CA ALA A 97 -25.51 -0.81 3.30
C ALA A 97 -26.88 -0.94 3.95
N GLY A 98 -27.44 -2.14 3.92
CA GLY A 98 -28.73 -2.43 4.53
C GLY A 98 -28.68 -3.01 5.93
N LEU A 99 -27.46 -3.19 6.52
CA LEU A 99 -27.33 -3.76 7.86
C LEU A 99 -27.49 -2.70 8.96
N LYS A 100 -28.26 -3.04 10.04
CA LYS A 100 -28.60 -2.13 11.14
C LYS A 100 -27.42 -1.34 11.69
N LYS A 101 -26.36 -2.02 12.06
CA LYS A 101 -25.18 -1.43 12.69
C LYS A 101 -24.27 -0.58 11.77
N VAL A 102 -24.42 -0.69 10.44
CA VAL A 102 -23.57 0.01 9.51
C VAL A 102 -24.01 1.44 9.32
N THR A 103 -23.07 2.40 9.37
CA THR A 103 -23.36 3.81 9.16
C THR A 103 -22.74 4.39 7.88
N GLU A 104 -21.70 3.74 7.29
CA GLU A 104 -21.01 4.29 6.12
C GLU A 104 -20.35 3.11 5.40
N VAL A 105 -20.36 3.11 4.03
CA VAL A 105 -19.73 2.04 3.26
C VAL A 105 -18.87 2.76 2.21
N ARG A 106 -17.55 2.44 2.22
CA ARG A 106 -16.57 2.97 1.26
CA ARG A 106 -16.55 2.98 1.29
C ARG A 106 -15.96 1.79 0.51
N GLY A 107 -16.20 1.75 -0.81
CA GLY A 107 -15.66 0.68 -1.66
C GLY A 107 -14.64 1.22 -2.62
N TYR A 108 -13.57 0.44 -2.85
CA TYR A 108 -12.50 0.81 -3.82
C TYR A 108 -12.30 -0.36 -4.75
N THR A 109 -12.12 -0.09 -6.03
CA THR A 109 -11.90 -1.14 -6.99
C THR A 109 -11.11 -0.59 -8.17
N LYS A 110 -10.35 -1.47 -8.81
CA LYS A 110 -9.48 -1.12 -9.93
C LYS A 110 -10.26 -0.64 -11.14
N GLY A 111 -11.26 -1.39 -11.56
CA GLY A 111 -12.03 -1.04 -12.76
C GLY A 111 -11.16 -1.09 -14.01
N GLY A 112 -11.68 -0.54 -15.09
CA GLY A 112 -10.98 -0.48 -16.37
C GLY A 112 -10.93 -1.81 -17.06
N PRO A 113 -10.14 -1.93 -18.11
CA PRO A 113 -10.11 -3.20 -18.88
C PRO A 113 -9.77 -4.40 -18.00
N GLY A 114 -10.58 -5.44 -18.11
CA GLY A 114 -10.42 -6.70 -17.36
C GLY A 114 -10.89 -6.62 -15.91
N HIS A 115 -11.61 -5.58 -15.57
CA HIS A 115 -12.06 -5.44 -14.20
C HIS A 115 -13.46 -4.89 -14.20
N GLU A 116 -14.26 -5.35 -13.26
CA GLU A 116 -15.63 -4.88 -13.14
C GLU A 116 -15.71 -3.45 -12.60
N GLU A 117 -16.64 -2.69 -13.14
CA GLU A 117 -16.92 -1.35 -12.67
C GLU A 117 -18.05 -1.38 -11.65
N PRO A 118 -18.03 -0.47 -10.64
CA PRO A 118 -19.16 -0.39 -9.70
C PRO A 118 -20.43 -0.13 -10.48
N VAL A 119 -21.51 -0.76 -10.02
CA VAL A 119 -22.81 -0.61 -10.59
C VAL A 119 -23.64 0.26 -9.66
N PRO A 120 -24.16 1.42 -10.13
CA PRO A 120 -25.02 2.24 -9.24
C PRO A 120 -26.35 1.55 -8.98
N MET A 121 -26.71 1.48 -7.71
CA MET A 121 -28.01 0.90 -7.30
C MET A 121 -28.77 1.78 -6.35
N SER A 122 -30.09 1.49 -6.22
CA SER A 122 -31.02 2.15 -5.31
C SER A 122 -31.62 1.15 -4.33
N THR A 123 -30.84 0.09 -3.99
CA THR A 123 -31.21 -0.89 -2.96
C THR A 123 -31.10 -0.23 -1.57
N TYR A 124 -31.75 -0.83 -0.57
CA TYR A 124 -31.82 -0.27 0.77
C TYR A 124 -30.49 0.19 1.29
N GLY A 125 -30.44 1.48 1.61
CA GLY A 125 -29.21 2.04 2.16
C GLY A 125 -28.24 2.53 1.11
N TRP A 126 -28.65 2.62 -0.13
CA TRP A 126 -27.77 3.08 -1.20
C TRP A 126 -27.09 4.44 -0.88
N ASN A 127 -27.78 5.34 -0.12
CA ASN A 127 -27.29 6.70 0.15
C ASN A 127 -26.11 6.76 1.11
N ILE A 128 -25.77 5.65 1.74
CA ILE A 128 -24.61 5.63 2.62
C ILE A 128 -23.39 4.95 1.94
N VAL A 129 -23.53 4.64 0.64
CA VAL A 129 -22.47 3.95 -0.09
C VAL A 129 -21.72 4.90 -1.03
N LYS A 130 -20.40 4.78 -1.05
CA LYS A 130 -19.54 5.48 -2.02
C LYS A 130 -18.58 4.42 -2.60
N LEU A 131 -18.73 4.15 -3.90
CA LEU A 131 -17.86 3.19 -4.59
C LEU A 131 -16.97 3.96 -5.53
N MET A 132 -15.67 3.72 -5.40
CA MET A 132 -14.67 4.41 -6.21
C MET A 132 -13.89 3.45 -7.06
N SER A 133 -13.89 3.73 -8.37
CA SER A 133 -13.17 2.95 -9.36
C SER A 133 -11.81 3.63 -9.69
N GLY A 134 -10.97 2.94 -10.46
CA GLY A 134 -9.63 3.43 -10.79
C GLY A 134 -8.71 3.48 -9.60
N LYS A 135 -8.96 2.62 -8.60
CA LYS A 135 -8.18 2.61 -7.38
C LYS A 135 -7.55 1.25 -7.16
N ASP A 136 -6.23 1.19 -7.26
CA ASP A 136 -5.43 0.00 -6.97
C ASP A 136 -5.11 0.09 -5.50
N VAL A 137 -5.71 -0.82 -4.73
CA VAL A 137 -5.57 -0.87 -3.26
C VAL A 137 -4.11 -1.03 -2.80
N PHE A 138 -3.22 -1.53 -3.68
CA PHE A 138 -1.82 -1.70 -3.27
C PHE A 138 -1.07 -0.37 -3.18
N TYR A 139 -1.72 0.74 -3.60
CA TYR A 139 -1.15 2.07 -3.49
C TYR A 139 -1.99 2.95 -2.54
N LEU A 140 -3.02 2.36 -1.89
CA LEU A 140 -3.85 3.18 -0.98
C LEU A 140 -3.26 3.18 0.41
N PRO A 141 -3.18 4.36 1.05
CA PRO A 141 -2.74 4.38 2.44
C PRO A 141 -3.91 3.90 3.32
N PRO A 142 -3.68 3.21 4.44
CA PRO A 142 -4.83 2.72 5.23
C PRO A 142 -5.71 3.82 5.83
N GLU A 143 -7.00 3.52 5.99
CA GLU A 143 -7.95 4.46 6.62
C GLU A 143 -8.55 3.85 7.87
N LYS A 144 -8.96 4.72 8.81
CA LYS A 144 -9.64 4.26 10.01
C LYS A 144 -10.97 3.68 9.60
N CYS A 145 -11.36 2.54 10.18
CA CYS A 145 -12.64 1.90 9.87
C CYS A 145 -13.02 0.88 10.95
N ASP A 146 -14.30 0.58 11.00
CA ASP A 146 -14.84 -0.37 11.96
C ASP A 146 -14.98 -1.79 11.41
N THR A 147 -15.05 -1.92 10.05
CA THR A 147 -15.16 -3.23 9.39
C THR A 147 -14.26 -3.16 8.16
N LEU A 148 -13.37 -4.15 8.03
CA LEU A 148 -12.49 -4.20 6.87
C LEU A 148 -12.80 -5.46 6.09
N LEU A 149 -13.23 -5.28 4.85
CA LEU A 149 -13.54 -6.40 3.96
C LEU A 149 -12.56 -6.34 2.80
N CYS A 150 -12.10 -7.50 2.35
CA CYS A 150 -11.25 -7.56 1.16
C CYS A 150 -11.61 -8.85 0.42
N ASP A 151 -11.86 -8.74 -0.92
CA ASP A 151 -12.25 -9.90 -1.73
C ASP A 151 -11.34 -10.03 -2.92
N ILE A 152 -10.12 -9.53 -2.81
CA ILE A 152 -9.11 -9.56 -3.89
C ILE A 152 -8.32 -10.86 -3.93
N GLY A 153 -8.10 -11.37 -5.14
CA GLY A 153 -7.29 -12.55 -5.35
C GLY A 153 -7.70 -13.16 -6.66
N GLU A 154 -6.94 -12.86 -7.75
CA GLU A 154 -7.22 -13.36 -9.09
C GLU A 154 -6.62 -14.74 -9.25
N SER A 155 -7.45 -15.72 -9.66
CA SER A 155 -6.97 -17.08 -9.88
C SER A 155 -6.02 -17.13 -11.07
N SER A 156 -5.12 -18.11 -11.01
CA SER A 156 -4.17 -18.38 -12.09
C SER A 156 -3.90 -19.88 -12.17
N PRO A 157 -3.70 -20.49 -13.38
CA PRO A 157 -3.28 -21.92 -13.42
C PRO A 157 -1.96 -22.13 -12.66
N SER A 158 -1.16 -21.06 -12.40
CA SER A 158 0.10 -21.20 -11.69
C SER A 158 -0.13 -21.04 -10.17
N PRO A 159 0.08 -22.08 -9.32
CA PRO A 159 -0.06 -21.84 -7.87
C PRO A 159 1.01 -20.90 -7.31
N THR A 160 2.20 -20.77 -7.97
CA THR A 160 3.24 -19.87 -7.46
CA THR A 160 3.29 -19.89 -7.52
C THR A 160 2.84 -18.43 -7.72
N VAL A 161 2.14 -18.14 -8.84
CA VAL A 161 1.62 -16.82 -9.13
C VAL A 161 0.51 -16.51 -8.04
N GLU A 162 -0.40 -17.47 -7.77
CA GLU A 162 -1.44 -17.35 -6.73
C GLU A 162 -0.85 -17.15 -5.34
N GLU A 163 0.25 -17.84 -5.03
CA GLU A 163 0.98 -17.70 -3.74
C GLU A 163 1.44 -16.22 -3.57
N SER A 164 2.10 -15.67 -4.60
CA SER A 164 2.57 -14.29 -4.63
C SER A 164 1.40 -13.32 -4.45
N ARG A 165 0.29 -13.55 -5.16
CA ARG A 165 -0.91 -12.73 -5.08
C ARG A 165 -1.55 -12.75 -3.70
N THR A 166 -1.57 -13.95 -3.07
CA THR A 166 -2.19 -14.15 -1.75
C THR A 166 -1.36 -13.45 -0.67
N ILE A 167 -0.01 -13.64 -0.70
CA ILE A 167 0.91 -12.99 0.24
C ILE A 167 0.79 -11.48 0.13
N ARG A 168 0.75 -10.94 -1.12
CA ARG A 168 0.62 -9.51 -1.31
C ARG A 168 -0.65 -8.95 -0.65
N VAL A 169 -1.79 -9.68 -0.79
CA VAL A 169 -3.08 -9.27 -0.19
C VAL A 169 -2.93 -9.24 1.34
N LEU A 170 -2.33 -10.29 1.91
CA LEU A 170 -2.16 -10.41 3.36
C LEU A 170 -1.29 -9.29 3.94
N LYS A 171 -0.21 -8.92 3.22
CA LYS A 171 0.70 -7.85 3.66
C LYS A 171 -0.01 -6.49 3.55
N MET A 172 -0.81 -6.31 2.48
CA MET A 172 -1.56 -5.08 2.23
C MET A 172 -2.67 -4.83 3.27
N VAL A 173 -3.45 -5.87 3.65
CA VAL A 173 -4.58 -5.72 4.58
C VAL A 173 -4.15 -5.43 6.01
N GLU A 174 -3.00 -5.98 6.45
CA GLU A 174 -2.62 -5.83 7.87
C GLU A 174 -2.68 -4.39 8.46
N PRO A 175 -2.07 -3.35 7.84
CA PRO A 175 -2.16 -2.01 8.42
C PRO A 175 -3.58 -1.45 8.59
N TRP A 176 -4.59 -2.07 7.95
CA TRP A 176 -5.98 -1.64 8.03
C TRP A 176 -6.63 -2.31 9.24
N LEU A 177 -5.98 -3.36 9.76
CA LEU A 177 -6.47 -4.12 10.92
C LEU A 177 -6.07 -3.48 12.23
N LYS A 178 -7.07 -2.89 12.91
CA LYS A 178 -6.89 -2.22 14.20
C LYS A 178 -8.06 -2.59 15.11
N ASN A 179 -8.08 -3.87 15.58
CA ASN A 179 -9.14 -4.41 16.46
CA ASN A 179 -9.13 -4.42 16.46
C ASN A 179 -10.53 -4.12 15.86
N ASN A 180 -10.71 -4.46 14.56
CA ASN A 180 -11.97 -4.23 13.86
C ASN A 180 -12.54 -5.55 13.32
N GLN A 181 -13.80 -5.53 12.86
CA GLN A 181 -14.40 -6.70 12.24
C GLN A 181 -13.72 -6.83 10.87
N PHE A 182 -13.47 -8.07 10.41
CA PHE A 182 -12.86 -8.26 9.09
C PHE A 182 -13.28 -9.56 8.41
N CYS A 183 -13.19 -9.55 7.06
CA CYS A 183 -13.45 -10.74 6.25
C CYS A 183 -12.57 -10.53 5.00
N ILE A 184 -11.48 -11.33 4.94
CA ILE A 184 -10.46 -11.21 3.89
C ILE A 184 -10.32 -12.48 3.10
N LYS A 185 -10.42 -12.37 1.78
CA LYS A 185 -10.22 -13.56 0.95
C LYS A 185 -8.74 -13.96 0.92
N VAL A 186 -8.48 -15.26 1.02
CA VAL A 186 -7.17 -15.88 0.96
C VAL A 186 -7.27 -16.81 -0.24
N LEU A 187 -6.80 -16.33 -1.41
CA LEU A 187 -6.94 -16.99 -2.69
C LEU A 187 -6.35 -18.41 -2.69
N ASN A 188 -5.08 -18.53 -2.25
CA ASN A 188 -4.35 -19.76 -2.19
C ASN A 188 -3.88 -19.91 -0.74
N PRO A 189 -4.65 -20.64 0.09
CA PRO A 189 -4.28 -20.79 1.50
C PRO A 189 -3.43 -22.04 1.79
N TYR A 190 -3.14 -22.88 0.78
CA TYR A 190 -2.43 -24.15 1.01
C TYR A 190 -0.90 -24.08 0.89
N MET A 191 -0.36 -23.04 0.21
CA MET A 191 1.10 -22.95 0.05
C MET A 191 1.80 -22.70 1.39
N PRO A 192 2.84 -23.50 1.73
CA PRO A 192 3.52 -23.37 3.02
C PRO A 192 3.86 -21.94 3.48
N THR A 193 4.35 -21.07 2.57
CA THR A 193 4.69 -19.68 2.90
C THR A 193 3.44 -18.88 3.30
N VAL A 194 2.28 -19.14 2.65
CA VAL A 194 1.02 -18.45 2.98
C VAL A 194 0.57 -18.87 4.39
N ILE A 195 0.67 -20.18 4.68
CA ILE A 195 0.32 -20.76 5.99
C ILE A 195 1.08 -20.04 7.11
N GLU A 196 2.39 -19.77 6.90
CA GLU A 196 3.27 -19.10 7.88
C GLU A 196 2.72 -17.69 8.18
N HIS A 197 2.33 -16.94 7.11
CA HIS A 197 1.78 -15.61 7.27
C HIS A 197 0.44 -15.70 7.97
N LEU A 198 -0.44 -16.66 7.59
CA LEU A 198 -1.75 -16.78 8.21
C LEU A 198 -1.66 -17.05 9.69
N GLU A 199 -0.68 -17.86 10.06
CA GLU A 199 -0.46 -18.23 11.48
C GLU A 199 -0.02 -17.04 12.30
N ARG A 200 0.94 -16.24 11.76
CA ARG A 200 1.41 -14.99 12.38
C ARG A 200 0.27 -14.00 12.52
N LEU A 201 -0.49 -13.79 11.44
CA LEU A 201 -1.62 -12.88 11.46
C LEU A 201 -2.68 -13.31 12.47
N GLN A 202 -2.95 -14.63 12.58
CA GLN A 202 -3.96 -15.15 13.52
C GLN A 202 -3.51 -14.94 14.97
N ARG A 203 -2.22 -15.09 15.24
CA ARG A 203 -1.68 -14.88 16.60
C ARG A 203 -1.86 -13.42 17.02
N LYS A 204 -1.69 -12.51 16.06
CA LYS A 204 -1.78 -11.08 16.32
C LYS A 204 -3.24 -10.56 16.36
N HIS A 205 -4.05 -10.90 15.33
CA HIS A 205 -5.38 -10.38 15.10
C HIS A 205 -6.55 -11.34 15.36
N GLY A 206 -6.26 -12.59 15.68
CA GLY A 206 -7.28 -13.60 15.95
C GLY A 206 -8.00 -14.04 14.69
N GLY A 207 -9.25 -14.45 14.86
CA GLY A 207 -10.06 -14.91 13.74
C GLY A 207 -9.71 -16.31 13.32
N MET A 208 -10.36 -16.77 12.23
CA MET A 208 -10.20 -18.12 11.72
CA MET A 208 -10.17 -18.10 11.70
C MET A 208 -10.41 -18.12 10.18
N LEU A 209 -9.85 -19.13 9.48
CA LEU A 209 -10.00 -19.33 8.03
C LEU A 209 -11.19 -20.27 7.83
N VAL A 210 -12.14 -19.83 6.99
CA VAL A 210 -13.39 -20.53 6.73
C VAL A 210 -13.62 -20.75 5.21
N ARG A 211 -14.08 -21.95 4.86
CA ARG A 211 -14.48 -22.21 3.49
C ARG A 211 -15.99 -21.94 3.35
N ASN A 212 -16.34 -21.08 2.40
CA ASN A 212 -17.72 -20.73 2.10
C ASN A 212 -18.31 -21.79 1.13
N PRO A 213 -19.51 -22.36 1.40
CA PRO A 213 -20.05 -23.42 0.55
C PRO A 213 -20.49 -22.87 -0.79
N LEU A 214 -20.55 -21.52 -0.91
CA LEU A 214 -20.90 -20.86 -2.18
C LEU A 214 -19.66 -20.71 -3.10
N SER A 215 -18.45 -21.05 -2.62
CA SER A 215 -17.26 -20.96 -3.48
C SER A 215 -17.31 -22.15 -4.46
N ARG A 216 -16.80 -21.94 -5.68
CA ARG A 216 -16.67 -22.99 -6.70
C ARG A 216 -15.51 -23.94 -6.36
N ASN A 217 -15.61 -25.19 -6.87
CA ASN A 217 -14.54 -26.16 -6.63
C ASN A 217 -13.27 -25.78 -7.39
N SER A 218 -13.44 -24.89 -8.42
CA SER A 218 -12.31 -24.42 -9.26
C SER A 218 -11.40 -23.42 -8.54
N THR A 219 -11.72 -23.10 -7.27
CA THR A 219 -10.85 -22.26 -6.42
C THR A 219 -10.75 -22.84 -5.01
N HIS A 220 -9.54 -22.80 -4.44
CA HIS A 220 -9.25 -23.25 -3.07
C HIS A 220 -9.43 -22.08 -2.03
N GLU A 221 -9.99 -20.95 -2.52
CA GLU A 221 -10.17 -19.79 -1.67
C GLU A 221 -10.80 -20.09 -0.33
N MET A 222 -10.30 -19.43 0.69
CA MET A 222 -10.88 -19.49 2.02
C MET A 222 -10.91 -18.06 2.54
N TYR A 223 -11.75 -17.79 3.54
CA TYR A 223 -11.83 -16.44 4.05
C TYR A 223 -11.36 -16.35 5.48
N TRP A 224 -10.51 -15.38 5.74
CA TRP A 224 -10.05 -15.10 7.09
C TRP A 224 -11.07 -14.15 7.69
N ILE A 225 -11.83 -14.66 8.71
CA ILE A 225 -12.91 -13.90 9.34
C ILE A 225 -12.54 -13.59 10.79
N SER A 226 -13.02 -12.47 11.31
CA SER A 226 -12.62 -12.00 12.62
C SER A 226 -13.16 -12.78 13.80
N ASN A 227 -14.39 -13.27 13.70
CA ASN A 227 -15.02 -13.91 14.89
C ASN A 227 -15.01 -15.43 14.83
N GLY A 228 -13.91 -15.99 15.26
CA GLY A 228 -13.78 -17.45 15.31
C GLY A 228 -12.40 -17.86 15.71
N THR A 229 -12.24 -19.13 16.05
CA THR A 229 -10.95 -19.69 16.43
C THR A 229 -10.86 -21.03 15.79
N GLY A 230 -9.66 -21.56 15.73
CA GLY A 230 -9.44 -22.88 15.21
C GLY A 230 -8.05 -23.04 14.69
N ASN A 231 -7.77 -24.22 14.13
CA ASN A 231 -6.47 -24.59 13.58
C ASN A 231 -6.50 -24.32 12.06
N ILE A 232 -5.65 -23.38 11.59
CA ILE A 232 -5.59 -23.00 10.17
C ILE A 232 -5.18 -24.21 9.30
N VAL A 233 -4.04 -24.86 9.62
CA VAL A 233 -3.58 -26.03 8.87
C VAL A 233 -4.69 -27.09 8.71
N SER A 234 -5.41 -27.44 9.82
CA SER A 234 -6.48 -28.45 9.75
CA SER A 234 -6.47 -28.45 9.73
C SER A 234 -7.61 -28.02 8.79
N SER A 235 -8.03 -26.73 8.85
CA SER A 235 -9.10 -26.20 8.00
C SER A 235 -8.68 -26.20 6.55
N VAL A 236 -7.39 -25.93 6.27
CA VAL A 236 -6.89 -25.91 4.88
C VAL A 236 -6.86 -27.34 4.31
N ASN A 237 -6.29 -28.29 5.08
CA ASN A 237 -6.22 -29.67 4.61
C ASN A 237 -7.61 -30.30 4.45
N MET A 238 -8.59 -29.91 5.30
CA MET A 238 -9.99 -30.37 5.15
C MET A 238 -10.55 -29.91 3.78
N VAL A 239 -10.27 -28.64 3.38
CA VAL A 239 -10.72 -28.17 2.08
C VAL A 239 -10.02 -28.92 0.95
N SER A 240 -8.68 -29.09 1.06
CA SER A 240 -7.96 -29.82 0.01
C SER A 240 -8.52 -31.22 -0.22
N ARG A 241 -8.83 -31.95 0.88
CA ARG A 241 -9.40 -33.29 0.78
C ARG A 241 -10.80 -33.25 0.20
N LEU A 242 -11.61 -32.24 0.57
CA LEU A 242 -12.97 -32.11 0.04
C LEU A 242 -12.95 -31.92 -1.49
N LEU A 243 -12.06 -31.03 -1.95
CA LEU A 243 -11.96 -30.72 -3.36
C LEU A 243 -11.41 -31.85 -4.20
N LEU A 244 -10.52 -32.64 -3.58
CA LEU A 244 -9.92 -33.82 -4.16
C LEU A 244 -10.95 -34.89 -4.28
N ASN A 245 -11.75 -35.13 -3.20
CA ASN A 245 -12.81 -36.12 -3.30
C ASN A 245 -13.88 -35.74 -4.35
N ARG A 246 -14.02 -34.44 -4.71
CA ARG A 246 -15.01 -34.01 -5.68
C ARG A 246 -14.62 -34.32 -7.14
N PHE A 247 -13.37 -34.75 -7.41
CA PHE A 247 -12.99 -35.20 -8.75
C PHE A 247 -13.40 -36.69 -8.92
N THR A 248 -13.47 -37.47 -7.80
CA THR A 248 -13.78 -38.92 -7.80
C THR A 248 -15.15 -39.27 -8.40
N MET A 249 -16.18 -38.46 -8.17
CA MET A 249 -17.50 -38.82 -8.67
C MET A 249 -18.00 -37.95 -9.84
N THR A 250 -19.03 -38.47 -10.57
CA THR A 250 -19.74 -37.81 -11.68
C THR A 250 -20.35 -36.52 -11.11
N HIS A 251 -20.58 -35.50 -11.96
CA HIS A 251 -21.16 -34.21 -11.59
C HIS A 251 -22.42 -34.32 -10.74
N ARG A 252 -22.36 -33.68 -9.56
CA ARG A 252 -23.47 -33.56 -8.62
C ARG A 252 -23.99 -32.15 -8.85
N ARG A 253 -25.25 -32.01 -9.20
CA ARG A 253 -25.79 -30.71 -9.46
C ARG A 253 -25.75 -29.83 -8.20
N PRO A 254 -25.44 -28.53 -8.35
CA PRO A 254 -25.30 -27.69 -7.15
C PRO A 254 -26.61 -27.56 -6.38
N THR A 255 -26.50 -27.42 -5.06
CA THR A 255 -27.63 -27.15 -4.15
C THR A 255 -28.04 -25.67 -4.39
N ILE A 256 -29.28 -25.50 -4.87
CA ILE A 256 -29.81 -24.20 -5.24
C ILE A 256 -30.51 -23.53 -4.07
N GLU A 257 -30.12 -22.29 -3.80
CA GLU A 257 -30.75 -21.46 -2.77
C GLU A 257 -31.29 -20.19 -3.39
N LYS A 258 -32.19 -19.53 -2.68
CA LYS A 258 -32.74 -18.22 -3.06
C LYS A 258 -31.65 -17.13 -2.94
N ASP A 259 -31.61 -16.22 -3.90
CA ASP A 259 -30.71 -15.08 -3.85
C ASP A 259 -31.29 -14.06 -2.82
N VAL A 260 -30.50 -13.05 -2.45
CA VAL A 260 -30.87 -12.06 -1.47
C VAL A 260 -31.70 -10.92 -2.10
N ASP A 261 -32.65 -10.39 -1.34
CA ASP A 261 -33.44 -9.23 -1.74
C ASP A 261 -32.91 -8.09 -0.90
N LEU A 262 -32.24 -7.11 -1.56
CA LEU A 262 -31.63 -6.00 -0.85
C LEU A 262 -32.55 -4.78 -0.73
N GLY A 263 -33.82 -4.98 -1.08
CA GLY A 263 -34.89 -3.98 -1.02
C GLY A 263 -34.65 -2.64 -1.70
N ALA A 264 -35.18 -1.58 -1.08
CA ALA A 264 -35.16 -0.22 -1.61
C ALA A 264 -35.18 0.76 -0.47
N GLY A 265 -34.90 2.03 -0.78
CA GLY A 265 -35.00 3.08 0.22
C GLY A 265 -33.72 3.62 0.81
N THR A 266 -33.81 4.86 1.23
CA THR A 266 -32.73 5.59 1.87
C THR A 266 -32.72 5.28 3.35
N ARG A 267 -31.62 5.64 4.02
CA ARG A 267 -31.53 5.48 5.47
C ARG A 267 -30.67 6.56 6.13
N GLU B 12 25.90 -10.78 7.38
CA GLU B 12 26.23 -9.54 6.66
C GLU B 12 25.29 -9.34 5.47
N THR B 13 24.67 -8.15 5.42
CA THR B 13 23.72 -7.80 4.39
C THR B 13 24.44 -7.31 3.15
N LEU B 14 23.75 -7.37 2.01
CA LEU B 14 24.30 -6.88 0.76
C LEU B 14 24.67 -5.39 0.86
N GLY B 15 23.85 -4.62 1.58
CA GLY B 15 24.10 -3.20 1.80
C GLY B 15 25.40 -2.94 2.54
N GLU B 16 25.68 -3.81 3.55
CA GLU B 16 26.92 -3.74 4.30
C GLU B 16 28.13 -4.00 3.40
N LYS B 17 27.97 -4.89 2.39
CA LYS B 17 29.04 -5.18 1.47
C LYS B 17 29.29 -4.01 0.51
N TRP B 18 28.21 -3.33 0.11
CA TRP B 18 28.30 -2.14 -0.74
C TRP B 18 29.04 -1.03 0.07
N LYS B 19 28.65 -0.88 1.35
CA LYS B 19 29.24 0.10 2.25
C LYS B 19 30.75 -0.08 2.40
N LYS B 20 31.23 -1.33 2.62
CA LYS B 20 32.66 -1.63 2.72
C LYS B 20 33.39 -1.24 1.43
N LYS B 21 32.76 -1.52 0.26
CA LYS B 21 33.31 -1.17 -1.05
C LYS B 21 33.41 0.34 -1.23
N LEU B 22 32.35 1.09 -0.83
CA LEU B 22 32.27 2.55 -0.96
C LEU B 22 33.37 3.23 -0.10
N ASN B 23 33.62 2.68 1.11
CA ASN B 23 34.64 3.19 2.04
C ASN B 23 36.06 2.96 1.53
N GLN B 24 36.23 2.03 0.58
CA GLN B 24 37.54 1.71 0.02
C GLN B 24 37.90 2.57 -1.17
N LEU B 25 36.90 3.23 -1.79
CA LEU B 25 37.12 4.08 -2.95
C LEU B 25 37.93 5.32 -2.60
N SER B 26 38.88 5.66 -3.49
CA SER B 26 39.68 6.88 -3.38
C SER B 26 38.76 8.06 -3.73
N ARG B 27 39.13 9.29 -3.33
CA ARG B 27 38.34 10.50 -3.62
C ARG B 27 37.96 10.63 -5.10
N LYS B 28 38.88 10.30 -6.02
CA LYS B 28 38.64 10.34 -7.47
C LYS B 28 37.63 9.27 -7.88
N GLU B 29 37.82 8.01 -7.40
CA GLU B 29 36.92 6.89 -7.68
C GLU B 29 35.50 7.20 -7.15
N PHE B 30 35.42 7.81 -5.96
CA PHE B 30 34.18 8.18 -5.29
C PHE B 30 33.40 9.25 -6.07
N ASP B 31 34.12 10.29 -6.56
CA ASP B 31 33.52 11.39 -7.32
C ASP B 31 32.91 10.94 -8.64
N LEU B 32 33.51 9.94 -9.29
CA LEU B 32 33.00 9.36 -10.53
C LEU B 32 31.82 8.45 -10.22
N TYR B 33 31.99 7.50 -9.27
CA TYR B 33 30.95 6.55 -8.84
C TYR B 33 29.64 7.21 -8.42
N LYS B 34 29.69 8.21 -7.53
CA LYS B 34 28.46 8.80 -6.99
C LYS B 34 27.45 9.34 -8.03
N LYS B 35 27.92 9.70 -9.24
CA LYS B 35 27.06 10.24 -10.28
C LYS B 35 26.74 9.25 -11.41
N SER B 36 27.41 8.07 -11.46
CA SER B 36 27.25 7.15 -12.57
C SER B 36 25.82 6.61 -12.76
N GLY B 37 25.22 7.00 -13.87
CA GLY B 37 23.87 6.56 -14.26
C GLY B 37 22.73 7.20 -13.48
N ILE B 38 23.00 8.20 -12.64
CA ILE B 38 21.96 8.86 -11.86
C ILE B 38 21.22 9.94 -12.71
N THR B 39 20.09 10.41 -12.20
CA THR B 39 19.37 11.53 -12.80
C THR B 39 19.76 12.74 -11.91
N GLU B 40 19.98 13.92 -12.54
CA GLU B 40 20.28 15.14 -11.81
C GLU B 40 19.76 16.34 -12.53
N VAL B 41 19.36 17.35 -11.75
CA VAL B 41 18.84 18.60 -12.29
C VAL B 41 19.99 19.57 -12.51
N ASP B 42 19.91 20.39 -13.57
CA ASP B 42 20.93 21.39 -13.86
C ASP B 42 20.62 22.58 -12.96
N ARG B 43 21.50 22.82 -11.99
CA ARG B 43 21.35 23.85 -10.95
C ARG B 43 22.15 25.11 -11.20
N THR B 44 22.94 25.17 -12.28
CA THR B 44 23.80 26.31 -12.61
C THR B 44 23.06 27.67 -12.62
N GLU B 45 21.89 27.79 -13.30
CA GLU B 45 21.05 29.00 -13.43
CA GLU B 45 21.25 29.10 -13.32
C GLU B 45 20.43 29.38 -12.07
N ALA B 46 20.05 28.33 -11.30
CA ALA B 46 19.40 28.53 -10.01
C ALA B 46 20.42 29.08 -9.02
N LYS B 47 21.66 28.51 -8.99
CA LYS B 47 22.75 28.92 -8.10
C LYS B 47 23.20 30.37 -8.31
N GLU B 48 23.44 30.78 -9.57
CA GLU B 48 23.84 32.17 -9.87
C GLU B 48 22.70 33.14 -9.59
N GLY B 49 21.47 32.73 -9.92
CA GLY B 49 20.26 33.49 -9.59
C GLY B 49 20.14 33.71 -8.09
N LEU B 50 20.45 32.66 -7.29
CA LEU B 50 20.41 32.74 -5.83
C LEU B 50 21.57 33.57 -5.26
N LYS B 51 22.73 33.58 -5.95
CA LYS B 51 23.91 34.37 -5.55
C LYS B 51 23.55 35.85 -5.64
N ARG B 52 22.79 36.22 -6.70
CA ARG B 52 22.31 37.58 -6.99
C ARG B 52 21.10 38.03 -6.13
N GLY B 53 20.63 37.16 -5.23
CA GLY B 53 19.51 37.48 -4.34
C GLY B 53 18.12 37.43 -4.96
N GLU B 54 17.96 36.71 -6.09
CA GLU B 54 16.66 36.51 -6.76
C GLU B 54 15.81 35.56 -5.91
N THR B 55 14.53 35.90 -5.72
CA THR B 55 13.63 35.17 -4.82
C THR B 55 12.48 34.48 -5.55
N THR B 56 12.46 34.58 -6.87
CA THR B 56 11.42 33.97 -7.68
C THR B 56 11.99 32.91 -8.56
N HIS B 57 11.13 31.95 -8.93
CA HIS B 57 11.34 30.80 -9.81
C HIS B 57 12.30 29.74 -9.27
N HIS B 58 13.47 30.15 -8.71
CA HIS B 58 14.50 29.19 -8.30
C HIS B 58 14.11 28.35 -7.15
N ALA B 59 14.55 27.09 -7.18
CA ALA B 59 14.43 26.18 -6.06
C ALA B 59 15.67 26.49 -5.19
N VAL B 60 15.54 26.48 -3.89
CA VAL B 60 16.67 26.78 -3.02
C VAL B 60 17.73 25.67 -2.94
N SER B 61 17.37 24.44 -3.36
CA SER B 61 18.26 23.30 -3.35
C SER B 61 17.79 22.27 -4.37
N ARG B 62 18.50 21.14 -4.48
CA ARG B 62 18.07 20.01 -5.32
C ARG B 62 16.85 19.27 -4.71
N GLY B 63 16.45 19.61 -3.49
CA GLY B 63 15.38 18.91 -2.81
C GLY B 63 14.01 19.06 -3.45
N SER B 64 13.74 20.22 -4.07
CA SER B 64 12.44 20.48 -4.69
C SER B 64 12.20 19.47 -5.82
N ALA B 65 13.19 19.30 -6.72
CA ALA B 65 13.12 18.32 -7.80
C ALA B 65 13.04 16.89 -7.21
N LYS B 66 13.79 16.61 -6.12
CA LYS B 66 13.80 15.30 -5.50
C LYS B 66 12.41 14.93 -5.00
N LEU B 67 11.75 15.84 -4.28
CA LEU B 67 10.40 15.59 -3.78
C LEU B 67 9.44 15.51 -4.98
N GLN B 68 9.57 16.41 -5.96
CA GLN B 68 8.70 16.34 -7.15
C GLN B 68 8.69 14.95 -7.79
N TRP B 69 9.81 14.27 -7.83
CA TRP B 69 9.84 12.91 -8.40
C TRP B 69 8.81 11.99 -7.72
N PHE B 70 8.74 12.03 -6.40
CA PHE B 70 7.78 11.25 -5.64
C PHE B 70 6.36 11.74 -5.87
N VAL B 71 6.11 13.07 -5.78
CA VAL B 71 4.80 13.69 -5.88
C VAL B 71 4.17 13.45 -7.27
N GLU B 72 4.95 13.65 -8.35
CA GLU B 72 4.39 13.44 -9.68
C GLU B 72 4.02 11.97 -9.95
N ARG B 73 4.45 11.01 -9.07
CA ARG B 73 4.09 9.58 -9.17
C ARG B 73 3.08 9.17 -8.09
N ASN B 74 2.51 10.17 -7.37
CA ASN B 74 1.50 9.96 -6.34
C ASN B 74 2.00 9.07 -5.19
N MET B 75 3.33 9.02 -4.99
CA MET B 75 3.93 8.23 -3.90
C MET B 75 3.61 8.86 -2.53
N VAL B 76 3.50 10.19 -2.54
CA VAL B 76 3.10 11.06 -1.44
C VAL B 76 2.29 12.17 -2.11
N ILE B 77 1.09 12.47 -1.59
CA ILE B 77 0.19 13.46 -2.19
C ILE B 77 0.05 14.62 -1.19
N PRO B 78 0.96 15.62 -1.21
CA PRO B 78 0.88 16.71 -0.20
C PRO B 78 -0.46 17.42 -0.22
N GLU B 79 -1.04 17.58 0.97
CA GLU B 79 -2.35 18.22 1.13
C GLU B 79 -2.46 18.81 2.53
N GLY B 80 -3.37 19.78 2.65
CA GLY B 80 -3.68 20.41 3.93
C GLY B 80 -2.48 20.98 4.66
N ARG B 81 -2.36 20.62 5.96
CA ARG B 81 -1.26 21.13 6.77
C ARG B 81 -0.05 20.19 6.59
N VAL B 82 1.01 20.74 6.04
CA VAL B 82 2.24 20.03 5.74
C VAL B 82 3.32 20.37 6.76
N ILE B 83 3.93 19.35 7.39
CA ILE B 83 5.04 19.49 8.35
C ILE B 83 6.27 18.94 7.67
N ASP B 84 7.30 19.75 7.59
CA ASP B 84 8.54 19.42 6.94
C ASP B 84 9.63 19.42 8.02
N LEU B 85 10.01 18.22 8.48
CA LEU B 85 10.98 17.99 9.54
C LEU B 85 12.36 17.91 8.93
N GLY B 86 13.23 18.81 9.37
CA GLY B 86 14.58 18.98 8.84
C GLY B 86 14.42 19.68 7.50
N CYS B 87 13.85 20.92 7.51
CA CYS B 87 13.61 21.60 6.22
C CYS B 87 14.85 22.17 5.53
N GLY B 88 15.94 22.36 6.27
CA GLY B 88 17.15 22.96 5.72
C GLY B 88 16.87 24.32 5.10
N ARG B 89 17.40 24.54 3.89
CA ARG B 89 17.17 25.75 3.09
C ARG B 89 15.67 25.94 2.71
N GLY B 90 14.90 24.83 2.71
CA GLY B 90 13.46 24.81 2.46
C GLY B 90 12.99 24.27 1.12
N GLY B 91 13.82 23.48 0.42
CA GLY B 91 13.46 22.92 -0.89
C GLY B 91 12.13 22.17 -0.92
N TRP B 92 11.86 21.32 0.07
CA TRP B 92 10.59 20.60 0.12
C TRP B 92 9.42 21.50 0.42
N SER B 93 9.61 22.43 1.38
CA SER B 93 8.58 23.34 1.79
C SER B 93 8.11 24.25 0.67
N TYR B 94 9.04 24.89 -0.07
CA TYR B 94 8.69 25.80 -1.15
C TYR B 94 8.04 25.04 -2.32
N TYR B 95 8.38 23.76 -2.49
CA TYR B 95 7.74 22.94 -3.52
C TYR B 95 6.28 22.67 -3.12
N CYS B 96 6.03 22.20 -1.91
CA CYS B 96 4.67 21.93 -1.45
C CYS B 96 3.77 23.13 -1.46
N ALA B 97 4.34 24.33 -1.20
CA ALA B 97 3.60 25.57 -1.11
C ALA B 97 2.88 25.92 -2.40
N GLY B 98 3.35 25.43 -3.53
CA GLY B 98 2.72 25.71 -4.82
C GLY B 98 1.68 24.70 -5.26
N LEU B 99 1.46 23.63 -4.47
CA LEU B 99 0.52 22.56 -4.84
C LEU B 99 -0.89 22.94 -4.36
N LYS B 100 -1.91 22.80 -5.25
CA LYS B 100 -3.31 23.19 -4.99
C LYS B 100 -3.91 22.66 -3.67
N LYS B 101 -3.66 21.38 -3.34
CA LYS B 101 -4.25 20.74 -2.16
C LYS B 101 -3.64 21.20 -0.83
N VAL B 102 -2.44 21.82 -0.89
CA VAL B 102 -1.71 22.28 0.34
C VAL B 102 -2.28 23.62 0.79
N THR B 103 -2.51 23.76 2.11
CA THR B 103 -3.07 24.97 2.72
C THR B 103 -2.11 25.68 3.65
N GLU B 104 -1.12 24.97 4.14
CA GLU B 104 -0.17 25.51 5.12
C GLU B 104 1.04 24.60 5.14
N VAL B 105 2.22 25.20 5.17
CA VAL B 105 3.49 24.51 5.25
C VAL B 105 4.31 25.04 6.43
N ARG B 106 4.68 24.14 7.34
CA ARG B 106 5.49 24.50 8.51
CA ARG B 106 5.43 24.48 8.52
C ARG B 106 6.73 23.63 8.51
N GLY B 107 7.87 24.28 8.29
CA GLY B 107 9.18 23.65 8.21
C GLY B 107 10.03 23.93 9.43
N TYR B 108 10.76 22.90 9.89
CA TYR B 108 11.60 23.05 11.10
C TYR B 108 12.99 22.55 10.80
N THR B 109 14.02 23.32 11.20
CA THR B 109 15.38 22.91 10.96
C THR B 109 16.26 23.37 12.10
N LYS B 110 17.36 22.64 12.31
CA LYS B 110 18.28 22.94 13.40
C LYS B 110 19.08 24.24 13.17
N GLY B 111 19.67 24.39 12.00
CA GLY B 111 20.51 25.55 11.68
C GLY B 111 21.73 25.59 12.59
N GLY B 112 22.45 26.68 12.57
CA GLY B 112 23.65 26.82 13.40
C GLY B 112 24.89 26.33 12.68
N PRO B 113 26.02 26.15 13.40
CA PRO B 113 27.26 25.68 12.73
C PRO B 113 27.10 24.33 12.07
N GLY B 114 27.56 24.23 10.84
CA GLY B 114 27.48 23.00 10.06
C GLY B 114 26.11 22.62 9.53
N HIS B 115 25.08 23.45 9.79
CA HIS B 115 23.71 23.20 9.35
C HIS B 115 23.12 24.31 8.49
N GLU B 116 22.38 23.89 7.43
CA GLU B 116 21.74 24.81 6.50
CA GLU B 116 21.75 24.83 6.51
C GLU B 116 20.70 25.70 7.18
N GLU B 117 20.71 27.01 6.86
CA GLU B 117 19.75 27.95 7.39
C GLU B 117 18.64 28.10 6.31
N PRO B 118 17.34 28.28 6.72
CA PRO B 118 16.28 28.52 5.72
C PRO B 118 16.57 29.75 4.89
N VAL B 119 16.22 29.68 3.62
CA VAL B 119 16.43 30.75 2.67
C VAL B 119 15.06 31.38 2.41
N PRO B 120 14.88 32.70 2.67
CA PRO B 120 13.57 33.32 2.38
C PRO B 120 13.35 33.44 0.86
N MET B 121 12.17 32.98 0.37
CA MET B 121 11.86 33.04 -1.05
C MET B 121 10.49 33.62 -1.29
N SER B 122 10.26 34.01 -2.56
CA SER B 122 9.01 34.57 -3.02
C SER B 122 8.44 33.74 -4.18
N THR B 123 8.77 32.42 -4.18
CA THR B 123 8.22 31.49 -5.16
C THR B 123 6.72 31.33 -4.88
N TYR B 124 5.98 30.81 -5.87
CA TYR B 124 4.53 30.69 -5.78
C TYR B 124 4.03 30.00 -4.49
N GLY B 125 3.12 30.66 -3.77
CA GLY B 125 2.60 30.13 -2.52
C GLY B 125 3.48 30.38 -1.31
N TRP B 126 4.54 31.20 -1.47
CA TRP B 126 5.46 31.48 -0.36
C TRP B 126 4.78 31.93 0.91
N ASN B 127 3.62 32.60 0.78
CA ASN B 127 2.90 33.14 1.95
C ASN B 127 2.29 32.10 2.88
N ILE B 128 2.18 30.82 2.43
CA ILE B 128 1.63 29.79 3.30
C ILE B 128 2.74 28.98 4.01
N VAL B 129 4.03 29.39 3.80
CA VAL B 129 5.18 28.69 4.38
C VAL B 129 5.68 29.46 5.60
N LYS B 130 6.09 28.75 6.63
CA LYS B 130 6.77 29.32 7.78
C LYS B 130 7.93 28.38 8.07
N LEU B 131 9.16 28.84 7.82
CA LEU B 131 10.37 28.07 8.11
C LEU B 131 10.95 28.56 9.43
N MET B 132 11.27 27.63 10.31
CA MET B 132 11.82 27.95 11.64
C MET B 132 13.18 27.29 11.84
N SER B 133 14.24 28.11 12.04
CA SER B 133 15.58 27.60 12.34
C SER B 133 15.67 27.51 13.85
N GLY B 134 16.75 26.90 14.35
CA GLY B 134 17.01 26.71 15.78
C GLY B 134 16.08 25.70 16.41
N LYS B 135 15.47 24.83 15.58
CA LYS B 135 14.50 23.86 16.04
C LYS B 135 14.99 22.43 15.82
N ASP B 136 15.48 21.80 16.87
CA ASP B 136 15.93 20.40 16.85
C ASP B 136 14.65 19.58 16.96
N VAL B 137 14.23 18.89 15.86
CA VAL B 137 12.95 18.15 15.86
C VAL B 137 12.86 16.97 16.83
N PHE B 138 14.00 16.49 17.38
CA PHE B 138 13.96 15.47 18.42
C PHE B 138 13.34 16.02 19.70
N TYR B 139 13.29 17.36 19.80
CA TYR B 139 12.70 18.07 20.92
C TYR B 139 11.47 18.90 20.48
N LEU B 140 10.86 18.54 19.31
CA LEU B 140 9.64 19.19 18.82
C LEU B 140 8.41 18.30 19.12
N PRO B 141 7.46 18.79 19.94
CA PRO B 141 6.27 18.00 20.24
C PRO B 141 5.44 17.70 18.99
N PRO B 142 5.09 16.41 18.74
CA PRO B 142 4.23 16.09 17.60
C PRO B 142 2.94 16.91 17.59
N GLU B 143 2.52 17.30 16.40
CA GLU B 143 1.33 18.09 16.13
C GLU B 143 0.48 17.37 15.11
N LYS B 144 -0.81 17.69 15.07
CA LYS B 144 -1.72 17.15 14.06
C LYS B 144 -1.37 17.76 12.69
N CYS B 145 -1.25 16.92 11.66
CA CYS B 145 -0.95 17.38 10.30
C CYS B 145 -1.51 16.42 9.27
N ASP B 146 -1.64 16.89 8.03
CA ASP B 146 -2.18 16.07 6.96
C ASP B 146 -1.08 15.41 6.14
N THR B 147 0.09 16.02 6.14
CA THR B 147 1.28 15.52 5.44
C THR B 147 2.48 15.66 6.35
N LEU B 148 3.17 14.56 6.59
CA LEU B 148 4.38 14.55 7.39
C LEU B 148 5.57 14.25 6.48
N LEU B 149 6.47 15.21 6.34
CA LEU B 149 7.69 15.07 5.55
C LEU B 149 8.89 15.10 6.49
N CYS B 150 9.90 14.30 6.20
CA CYS B 150 11.10 14.28 6.99
C CYS B 150 12.25 13.88 6.12
N ASP B 151 13.31 14.69 6.09
CA ASP B 151 14.45 14.38 5.24
C ASP B 151 15.75 14.37 6.04
N ILE B 152 15.68 14.02 7.32
CA ILE B 152 16.85 13.99 8.19
C ILE B 152 17.62 12.69 8.11
N GLY B 153 18.94 12.80 8.10
CA GLY B 153 19.84 11.65 8.12
C GLY B 153 21.24 11.99 7.66
N GLU B 154 22.18 12.10 8.62
CA GLU B 154 23.57 12.44 8.27
C GLU B 154 24.39 11.18 7.99
N SER B 155 25.06 11.12 6.83
CA SER B 155 25.92 10.00 6.44
C SER B 155 27.13 9.90 7.32
N SER B 156 27.69 8.68 7.41
CA SER B 156 28.87 8.36 8.21
C SER B 156 29.54 7.15 7.55
N PRO B 157 30.90 7.05 7.55
CA PRO B 157 31.55 5.83 7.01
C PRO B 157 31.19 4.58 7.82
N SER B 158 30.69 4.77 9.07
CA SER B 158 30.29 3.66 9.92
C SER B 158 28.80 3.38 9.76
N PRO B 159 28.42 2.18 9.21
CA PRO B 159 26.99 1.85 9.12
C PRO B 159 26.33 1.64 10.49
N THR B 160 27.13 1.36 11.58
CA THR B 160 26.55 1.26 12.92
C THR B 160 26.13 2.65 13.44
N VAL B 161 26.92 3.69 13.13
CA VAL B 161 26.58 5.08 13.48
C VAL B 161 25.29 5.45 12.68
N GLU B 162 25.25 5.09 11.39
CA GLU B 162 24.10 5.43 10.57
C GLU B 162 22.87 4.69 11.07
N GLU B 163 23.02 3.41 11.51
CA GLU B 163 21.93 2.61 12.07
C GLU B 163 21.28 3.34 13.26
N SER B 164 22.13 3.83 14.18
CA SER B 164 21.67 4.55 15.34
C SER B 164 20.97 5.84 14.93
N ARG B 165 21.57 6.59 13.96
CA ARG B 165 21.01 7.83 13.43
C ARG B 165 19.63 7.56 12.82
N THR B 166 19.52 6.46 12.05
CA THR B 166 18.28 6.08 11.37
C THR B 166 17.20 5.66 12.34
N ILE B 167 17.53 4.76 13.30
CA ILE B 167 16.52 4.34 14.26
C ILE B 167 15.98 5.52 15.08
N ARG B 168 16.86 6.46 15.42
CA ARG B 168 16.47 7.65 16.20
C ARG B 168 15.42 8.47 15.38
N VAL B 169 15.66 8.67 14.04
CA VAL B 169 14.69 9.36 13.20
C VAL B 169 13.34 8.58 13.15
N LEU B 170 13.37 7.25 12.96
CA LEU B 170 12.16 6.43 12.88
C LEU B 170 11.32 6.46 14.16
N LYS B 171 11.99 6.48 15.31
CA LYS B 171 11.33 6.58 16.62
C LYS B 171 10.69 7.95 16.79
N MET B 172 11.35 9.01 16.30
CA MET B 172 10.89 10.40 16.35
C MET B 172 9.68 10.64 15.45
N VAL B 173 9.69 10.11 14.20
CA VAL B 173 8.58 10.38 13.28
C VAL B 173 7.30 9.64 13.64
N GLU B 174 7.42 8.45 14.23
CA GLU B 174 6.26 7.59 14.43
C GLU B 174 5.08 8.31 15.10
N PRO B 175 5.24 9.08 16.22
CA PRO B 175 4.06 9.70 16.86
C PRO B 175 3.34 10.75 15.99
N TRP B 176 4.01 11.19 14.89
CA TRP B 176 3.41 12.16 13.97
C TRP B 176 2.52 11.49 12.95
N LEU B 177 2.63 10.17 12.84
CA LEU B 177 1.89 9.45 11.81
C LEU B 177 0.53 9.01 12.32
N LYS B 178 -0.52 9.57 11.69
CA LYS B 178 -1.92 9.39 12.07
C LYS B 178 -2.81 9.30 10.84
N ASN B 179 -2.76 8.18 10.12
CA ASN B 179 -3.53 8.01 8.88
C ASN B 179 -3.39 9.25 7.95
N ASN B 180 -2.16 9.72 7.80
CA ASN B 180 -1.83 10.86 6.99
C ASN B 180 -0.86 10.53 5.89
N GLN B 181 -0.65 11.48 4.99
CA GLN B 181 0.31 11.29 3.95
C GLN B 181 1.67 11.51 4.55
N PHE B 182 2.65 10.74 4.05
CA PHE B 182 4.01 10.89 4.54
C PHE B 182 5.08 10.49 3.51
N CYS B 183 6.28 11.06 3.71
CA CYS B 183 7.50 10.78 2.94
C CYS B 183 8.64 11.01 3.89
N ILE B 184 9.34 9.93 4.31
CA ILE B 184 10.37 10.00 5.37
C ILE B 184 11.67 9.37 4.87
N LYS B 185 12.79 10.11 4.97
CA LYS B 185 14.10 9.57 4.59
C LYS B 185 14.54 8.49 5.57
N VAL B 186 15.00 7.36 5.03
CA VAL B 186 15.56 6.26 5.79
C VAL B 186 17.01 6.23 5.30
N LEU B 187 17.90 6.90 6.04
CA LEU B 187 19.32 7.07 5.69
C LEU B 187 20.02 5.73 5.38
N ASN B 188 19.90 4.78 6.31
CA ASN B 188 20.49 3.47 6.12
C ASN B 188 19.35 2.47 6.34
N PRO B 189 18.79 1.96 5.22
CA PRO B 189 17.67 1.03 5.32
C PRO B 189 18.12 -0.44 5.29
N TYR B 190 19.44 -0.71 5.19
CA TYR B 190 19.90 -2.10 5.01
C TYR B 190 20.35 -2.82 6.29
N MET B 191 20.60 -2.06 7.36
CA MET B 191 21.04 -2.68 8.59
C MET B 191 19.92 -3.56 9.15
N PRO B 192 20.21 -4.81 9.61
CA PRO B 192 19.14 -5.69 10.11
C PRO B 192 18.20 -5.08 11.14
N THR B 193 18.70 -4.27 12.09
CA THR B 193 17.80 -3.72 13.09
C THR B 193 16.88 -2.65 12.49
N VAL B 194 17.36 -1.93 11.45
CA VAL B 194 16.57 -0.91 10.75
C VAL B 194 15.47 -1.66 9.98
N ILE B 195 15.81 -2.78 9.32
CA ILE B 195 14.82 -3.56 8.59
C ILE B 195 13.73 -4.02 9.57
N GLU B 196 14.14 -4.49 10.77
CA GLU B 196 13.20 -4.93 11.79
CA GLU B 196 13.22 -4.92 11.83
C GLU B 196 12.27 -3.78 12.18
N HIS B 197 12.83 -2.58 12.50
CA HIS B 197 12.05 -1.41 12.86
C HIS B 197 11.08 -1.03 11.71
N LEU B 198 11.58 -1.04 10.46
CA LEU B 198 10.76 -0.72 9.29
C LEU B 198 9.61 -1.71 9.07
N GLU B 199 9.88 -2.99 9.26
CA GLU B 199 8.85 -4.04 9.13
C GLU B 199 7.70 -3.81 10.12
N ARG B 200 8.04 -3.41 11.37
CA ARG B 200 7.09 -3.15 12.44
C ARG B 200 6.28 -1.91 12.07
N LEU B 201 6.97 -0.86 11.60
CA LEU B 201 6.32 0.41 11.21
C LEU B 201 5.35 0.18 10.04
N GLN B 202 5.76 -0.62 9.08
CA GLN B 202 4.93 -0.91 7.92
C GLN B 202 3.65 -1.70 8.31
N ARG B 203 3.78 -2.66 9.26
CA ARG B 203 2.62 -3.44 9.69
C ARG B 203 1.55 -2.54 10.35
N LYS B 204 1.98 -1.44 11.00
CA LYS B 204 1.13 -0.49 11.72
C LYS B 204 0.64 0.68 10.85
N HIS B 205 1.53 1.33 10.09
CA HIS B 205 1.19 2.52 9.31
C HIS B 205 1.06 2.32 7.81
N GLY B 206 1.46 1.16 7.32
CA GLY B 206 1.43 0.89 5.89
C GLY B 206 2.57 1.57 5.17
N GLY B 207 2.39 1.84 3.89
CA GLY B 207 3.42 2.47 3.09
C GLY B 207 4.47 1.48 2.64
N MET B 208 5.47 1.99 1.90
CA MET B 208 6.54 1.20 1.29
CA MET B 208 6.58 1.19 1.38
C MET B 208 7.83 2.05 1.19
N LEU B 209 8.98 1.39 0.99
CA LEU B 209 10.25 2.08 0.76
C LEU B 209 10.47 2.16 -0.71
N VAL B 210 10.96 3.32 -1.15
CA VAL B 210 11.21 3.59 -2.58
CA VAL B 210 11.21 3.59 -2.58
C VAL B 210 12.57 4.28 -2.74
N ARG B 211 13.26 4.00 -3.84
CA ARG B 211 14.52 4.60 -4.19
C ARG B 211 14.21 5.72 -5.17
N ASN B 212 14.80 6.88 -4.93
CA ASN B 212 14.68 8.03 -5.80
C ASN B 212 15.87 8.07 -6.80
N PRO B 213 15.66 8.12 -8.16
CA PRO B 213 16.80 8.12 -9.09
C PRO B 213 17.68 9.37 -9.04
N LEU B 214 17.19 10.41 -8.33
CA LEU B 214 17.94 11.64 -8.14
CA LEU B 214 17.95 11.65 -8.15
C LEU B 214 18.90 11.49 -6.96
N SER B 215 18.81 10.36 -6.21
CA SER B 215 19.74 10.08 -5.12
C SER B 215 21.06 9.69 -5.74
N ARG B 216 22.16 10.13 -5.11
CA ARG B 216 23.50 9.77 -5.58
C ARG B 216 23.80 8.32 -5.19
N ASN B 217 24.71 7.70 -5.92
CA ASN B 217 25.11 6.32 -5.65
C ASN B 217 25.90 6.21 -4.35
N SER B 218 26.38 7.33 -3.84
CA SER B 218 27.15 7.40 -2.58
C SER B 218 26.29 7.24 -1.31
N THR B 219 24.98 7.12 -1.48
CA THR B 219 24.03 6.90 -0.41
C THR B 219 23.04 5.82 -0.78
N HIS B 220 22.74 4.99 0.21
CA HIS B 220 21.77 3.91 0.12
C HIS B 220 20.40 4.40 0.61
N GLU B 221 20.25 5.74 0.82
CA GLU B 221 18.98 6.27 1.28
C GLU B 221 17.75 5.82 0.46
N MET B 222 16.71 5.47 1.18
CA MET B 222 15.41 5.17 0.59
C MET B 222 14.41 5.98 1.38
N TYR B 223 13.22 6.16 0.85
CA TYR B 223 12.17 6.94 1.49
C TYR B 223 10.97 6.10 1.75
N TRP B 224 10.45 6.17 2.96
CA TRP B 224 9.24 5.48 3.36
C TRP B 224 8.12 6.41 3.00
N ILE B 225 7.29 6.01 2.04
CA ILE B 225 6.16 6.79 1.51
C ILE B 225 4.86 6.12 1.89
N SER B 226 3.80 6.87 2.09
CA SER B 226 2.51 6.33 2.58
C SER B 226 1.72 5.51 1.59
N ASN B 227 1.85 5.85 0.31
CA ASN B 227 1.06 5.27 -0.76
C ASN B 227 1.77 4.12 -1.46
N GLY B 228 1.78 3.00 -0.77
CA GLY B 228 2.36 1.78 -1.32
C GLY B 228 2.37 0.61 -0.37
N THR B 229 2.61 -0.55 -0.93
CA THR B 229 2.70 -1.78 -0.18
C THR B 229 3.88 -2.47 -0.80
N GLY B 230 4.35 -3.53 -0.19
CA GLY B 230 5.45 -4.28 -0.77
C GLY B 230 6.43 -4.82 0.24
N ASN B 231 7.32 -5.67 -0.23
CA ASN B 231 8.30 -6.28 0.65
C ASN B 231 9.53 -5.38 0.84
N ILE B 232 9.71 -4.86 2.07
CA ILE B 232 10.83 -3.98 2.40
C ILE B 232 12.17 -4.65 2.14
N VAL B 233 12.39 -5.89 2.64
CA VAL B 233 13.64 -6.61 2.42
C VAL B 233 13.99 -6.70 0.93
N SER B 234 13.02 -7.12 0.11
CA SER B 234 13.25 -7.24 -1.32
C SER B 234 13.60 -5.86 -1.95
N SER B 235 12.89 -4.78 -1.54
CA SER B 235 13.18 -3.45 -2.09
C SER B 235 14.58 -2.96 -1.75
N VAL B 236 15.00 -3.18 -0.49
CA VAL B 236 16.33 -2.77 -0.03
C VAL B 236 17.42 -3.54 -0.79
N ASN B 237 17.24 -4.86 -0.87
CA ASN B 237 18.18 -5.74 -1.58
C ASN B 237 18.34 -5.35 -3.06
N MET B 238 17.24 -4.91 -3.73
CA MET B 238 17.39 -4.53 -5.12
CA MET B 238 17.29 -4.47 -5.13
C MET B 238 18.20 -3.23 -5.26
N VAL B 239 18.08 -2.28 -4.31
CA VAL B 239 18.92 -1.08 -4.36
C VAL B 239 20.40 -1.48 -4.11
N SER B 240 20.65 -2.41 -3.16
CA SER B 240 22.01 -2.86 -2.89
C SER B 240 22.63 -3.45 -4.14
N ARG B 241 21.86 -4.27 -4.86
CA ARG B 241 22.30 -4.92 -6.10
C ARG B 241 22.59 -3.85 -7.18
N LEU B 242 21.67 -2.89 -7.31
CA LEU B 242 21.81 -1.80 -8.27
C LEU B 242 23.09 -1.00 -8.02
N LEU B 243 23.32 -0.57 -6.75
CA LEU B 243 24.48 0.23 -6.39
C LEU B 243 25.79 -0.56 -6.54
N LEU B 244 25.73 -1.86 -6.29
CA LEU B 244 26.89 -2.71 -6.45
C LEU B 244 27.27 -2.85 -7.92
N ASN B 245 26.26 -3.06 -8.80
CA ASN B 245 26.56 -3.15 -10.23
C ASN B 245 27.10 -1.80 -10.76
N ARG B 246 26.73 -0.67 -10.14
CA ARG B 246 27.21 0.63 -10.62
C ARG B 246 28.69 0.86 -10.31
N PHE B 247 29.32 0.05 -9.43
CA PHE B 247 30.74 0.22 -9.16
C PHE B 247 31.57 -0.13 -10.38
N THR B 248 31.19 -1.23 -11.06
CA THR B 248 31.91 -1.86 -12.16
C THR B 248 31.42 -1.53 -13.56
N MET B 249 30.14 -1.14 -13.71
CA MET B 249 29.61 -0.84 -15.02
C MET B 249 30.32 0.37 -15.64
N THR B 250 30.41 0.42 -16.98
CA THR B 250 31.02 1.54 -17.70
C THR B 250 30.38 2.83 -17.21
N HIS B 251 31.22 3.83 -16.84
CA HIS B 251 30.72 5.11 -16.34
C HIS B 251 29.71 5.74 -17.28
N ARG B 252 28.60 6.19 -16.72
CA ARG B 252 27.57 6.86 -17.50
C ARG B 252 27.42 8.20 -16.85
N ARG B 253 27.70 9.28 -17.59
CA ARG B 253 27.54 10.62 -16.99
C ARG B 253 26.06 10.81 -16.65
N PRO B 254 25.71 11.58 -15.60
CA PRO B 254 24.30 11.70 -15.22
C PRO B 254 23.37 12.18 -16.33
N THR B 255 22.11 11.68 -16.29
CA THR B 255 21.01 12.13 -17.15
C THR B 255 20.59 13.50 -16.57
N ILE B 256 20.84 14.56 -17.35
CA ILE B 256 20.54 15.94 -16.93
C ILE B 256 19.11 16.36 -17.32
N GLU B 257 18.34 16.84 -16.32
CA GLU B 257 16.99 17.35 -16.51
C GLU B 257 16.94 18.80 -16.08
N LYS B 258 16.00 19.58 -16.66
CA LYS B 258 15.83 20.98 -16.28
C LYS B 258 15.28 21.01 -14.84
N ASP B 259 15.80 21.92 -14.02
CA ASP B 259 15.35 22.08 -12.65
C ASP B 259 13.94 22.64 -12.59
N VAL B 260 13.25 22.42 -11.50
CA VAL B 260 11.90 22.92 -11.29
C VAL B 260 11.84 24.46 -11.41
N ASP B 261 10.70 24.95 -11.89
CA ASP B 261 10.40 26.37 -11.90
C ASP B 261 9.29 26.54 -10.90
N LEU B 262 9.59 27.14 -9.72
CA LEU B 262 8.56 27.26 -8.68
C LEU B 262 7.75 28.58 -8.76
N GLY B 263 7.90 29.30 -9.86
CA GLY B 263 7.11 30.50 -10.10
C GLY B 263 7.30 31.64 -9.13
N ALA B 264 6.24 32.46 -9.01
CA ALA B 264 6.26 33.65 -8.18
C ALA B 264 4.88 33.99 -7.65
N GLY B 265 4.88 34.79 -6.59
CA GLY B 265 3.69 35.39 -6.00
C GLY B 265 2.96 34.60 -4.93
N THR B 266 2.00 35.29 -4.29
CA THR B 266 1.18 34.70 -3.23
C THR B 266 0.06 33.86 -3.83
N ARG B 267 -0.51 33.00 -3.01
CA ARG B 267 -1.71 32.26 -3.33
C ARG B 267 -2.82 32.68 -2.35
N SFG C . -17.18 -8.77 -3.51
CA SFG C . -17.51 -8.25 -4.85
C SFG C . -19.08 -8.38 -5.03
O SFG C . -19.85 -8.85 -4.20
OXT SFG C . -19.46 -7.94 -6.13
CB SFG C . -16.64 -9.02 -5.94
CG SFG C . -15.19 -8.55 -5.80
CD SFG C . -14.14 -9.31 -6.61
NE SFG C . -14.07 -10.72 -6.18
C5' SFG C . -12.74 -8.71 -6.49
C4' SFG C . -12.56 -7.40 -7.23
O4' SFG C . -11.28 -6.82 -6.86
C3' SFG C . -12.60 -7.43 -8.78
O3' SFG C . -13.66 -6.62 -9.24
C2' SFG C . -11.24 -6.89 -9.19
O2' SFG C . -11.40 -6.04 -10.32
C1' SFG C . -10.83 -6.07 -7.97
N9 SFG C . -9.40 -5.87 -7.82
C8 SFG C . -8.41 -6.78 -8.11
N7 SFG C . -7.20 -6.37 -7.83
C5 SFG C . -7.39 -5.07 -7.39
C6 SFG C . -6.49 -4.10 -6.90
N6 SFG C . -5.17 -4.28 -6.86
N1 SFG C . -7.01 -3.00 -6.34
C2 SFG C . -8.33 -2.79 -6.42
N3 SFG C . -9.28 -3.62 -6.88
C4 SFG C . -8.74 -4.77 -7.31
N SFG D . 14.68 18.66 2.14
CA SFG D . 15.56 19.83 2.25
C SFG D . 15.60 20.58 0.92
O SFG D . 14.92 20.23 -0.03
OXT SFG D . 16.43 21.58 0.89
CB SFG D . 16.99 19.39 2.71
CG SFG D . 16.90 18.72 4.09
CD SFG D . 18.18 18.08 4.59
NE SFG D . 18.51 16.84 3.85
C5' SFG D . 18.08 17.69 6.05
C4' SFG D . 18.24 18.85 7.01
O4' SFG D . 17.92 18.40 8.34
C3' SFG D . 19.62 19.52 7.10
O3' SFG D . 19.61 20.85 6.57
C2' SFG D . 19.96 19.47 8.59
O2' SFG D . 20.57 20.65 9.08
C1' SFG D . 18.58 19.25 9.23
N9 SFG D . 18.58 18.59 10.52
C8 SFG D . 19.38 17.53 10.90
N7 SFG D . 19.14 17.08 12.10
C5 SFG D . 18.08 17.87 12.55
C6 SFG D . 17.37 17.91 13.76
N6 SFG D . 17.63 17.12 14.81
N1 SFG D . 16.37 18.82 13.87
C2 SFG D . 16.13 19.64 12.84
N3 SFG D . 16.76 19.72 11.67
C4 SFG D . 17.71 18.77 11.57
#